data_7VPA
#
_entry.id   7VPA
#
_cell.length_a   73.927
_cell.length_b   73.927
_cell.length_c   90.737
_cell.angle_alpha   90.000
_cell.angle_beta   90.000
_cell.angle_gamma   120.000
#
_symmetry.space_group_name_H-M   'P 32'
#
loop_
_entity.id
_entity.type
_entity.pdbx_description
1 polymer 'hydrolase Ple629'
2 water water
#
_entity_poly.entity_id   1
_entity_poly.type   'polypeptide(L)'
_entity_poly.pdbx_seq_one_letter_code
;MGGGGSGGGNNGGGGGCEADCGYERGPDPSVSLLEASTGPFSVRTSNVSSSVRGFGGGTIHYPTNTTGTMAAIVVIPGFV
SPESSIAWWGPKLASHGFVVMTIGTNSGFDQPASRASQLNNALDYLIEQNGSSRSPINGMIDTDRLGVMGWSMGGGGTLR
VATEGRVSAAIPLAPWDSSSSQFRSIDTPTLIFACENDSTAPVRSHADPFYDAIPDSTAKAFVELDGGGHTCANGSSGFG
GSYNDVLSRLGVSWMKLHLDKDQRYNQFVCGPNHESDRSISEYRGTCPYLE
;
_entity_poly.pdbx_strand_id   A,B
#
# COMPACT_ATOMS: atom_id res chain seq x y z
N CYS A 17 23.86 29.73 6.70
CA CYS A 17 25.09 29.63 7.52
C CYS A 17 25.19 28.21 8.07
N GLU A 18 26.35 27.77 8.53
CA GLU A 18 26.45 26.36 8.98
C GLU A 18 26.62 26.25 10.50
N ALA A 19 27.08 27.31 11.16
CA ALA A 19 27.35 27.20 12.62
C ALA A 19 27.10 28.52 13.35
N ASP A 20 26.52 28.46 14.55
CA ASP A 20 26.28 29.67 15.38
C ASP A 20 25.72 30.76 14.47
N CYS A 21 24.60 30.46 13.80
CA CYS A 21 24.02 31.42 12.83
C CYS A 21 22.84 32.13 13.47
N GLY A 22 22.38 31.64 14.61
CA GLY A 22 21.28 32.31 15.33
C GLY A 22 19.94 31.93 14.78
N TYR A 23 19.67 30.63 14.70
CA TYR A 23 18.34 30.16 14.25
C TYR A 23 17.75 29.34 15.39
N GLU A 24 18.46 29.27 16.49
CA GLU A 24 18.01 28.37 17.59
C GLU A 24 16.79 28.92 18.32
N ARG A 25 15.98 28.02 18.84
CA ARG A 25 14.73 28.45 19.46
C ARG A 25 14.30 27.40 20.48
N GLY A 26 13.68 27.86 21.56
CA GLY A 26 13.21 26.97 22.58
C GLY A 26 14.32 26.59 23.54
N PRO A 27 14.02 25.76 24.51
CA PRO A 27 15.02 25.44 25.55
C PRO A 27 16.21 24.69 25.02
N ASP A 28 17.18 24.40 25.90
CA ASP A 28 18.13 23.36 25.61
C ASP A 28 17.36 22.06 25.70
N PRO A 29 17.47 21.18 24.71
CA PRO A 29 16.58 20.00 24.66
C PRO A 29 17.06 18.85 25.53
N SER A 30 16.10 17.98 25.83
CA SER A 30 16.31 16.71 26.49
C SER A 30 15.41 15.68 25.81
N VAL A 31 15.54 14.43 26.23
CA VAL A 31 14.76 13.36 25.62
C VAL A 31 13.29 13.48 25.99
N SER A 32 12.99 13.83 27.25
CA SER A 32 11.59 13.97 27.64
C SER A 32 10.89 15.05 26.83
N LEU A 33 11.58 16.17 26.56
CA LEU A 33 11.00 17.21 25.72
C LEU A 33 10.72 16.68 24.31
N LEU A 34 11.71 16.01 23.71
CA LEU A 34 11.57 15.49 22.35
C LEU A 34 10.40 14.50 22.24
N GLU A 35 10.18 13.67 23.25
CA GLU A 35 9.22 12.59 23.17
C GLU A 35 7.86 12.96 23.76
N ALA A 36 7.70 14.20 24.22
CA ALA A 36 6.39 14.72 24.56
C ALA A 36 5.48 14.69 23.34
N SER A 37 4.16 14.66 23.59
CA SER A 37 3.20 14.60 22.48
C SER A 37 3.19 15.90 21.67
N THR A 38 3.66 17.00 22.24
CA THR A 38 3.80 18.27 21.53
C THR A 38 5.12 18.93 21.91
N GLY A 39 5.59 19.78 21.02
CA GLY A 39 6.71 20.62 21.33
C GLY A 39 6.34 21.70 22.33
N PRO A 40 7.29 22.57 22.65
CA PRO A 40 7.01 23.70 23.57
C PRO A 40 6.04 24.75 23.03
N PHE A 41 5.56 24.64 21.80
CA PHE A 41 4.69 25.67 21.24
C PHE A 41 3.30 25.11 20.90
N SER A 42 2.36 26.04 20.75
CA SER A 42 0.98 25.70 20.43
C SER A 42 0.77 25.77 18.93
N VAL A 43 -0.18 24.96 18.43
CA VAL A 43 -0.33 24.67 17.01
C VAL A 43 -1.66 25.23 16.51
N ARG A 44 -1.62 25.91 15.38
CA ARG A 44 -2.83 26.31 14.67
C ARG A 44 -2.77 25.77 13.24
N THR A 45 -3.86 25.91 12.52
CA THR A 45 -3.96 25.33 11.19
C THR A 45 -4.62 26.31 10.23
N SER A 46 -4.17 26.28 8.99
CA SER A 46 -4.76 27.09 7.94
C SER A 46 -4.98 26.22 6.72
N ASN A 47 -6.20 26.21 6.20
CA ASN A 47 -6.52 25.31 5.10
C ASN A 47 -5.99 25.85 3.78
N VAL A 48 -5.53 24.95 2.93
CA VAL A 48 -5.17 25.26 1.54
C VAL A 48 -6.12 24.47 0.64
N SER A 49 -6.98 25.18 -0.07
CA SER A 49 -7.90 24.54 -1.00
C SER A 49 -7.17 23.71 -2.04
N SER A 50 -7.85 22.70 -2.56
CA SER A 50 -7.25 21.85 -3.57
C SER A 50 -7.09 22.58 -4.90
N SER A 51 -7.70 23.75 -5.04
CA SER A 51 -7.56 24.56 -6.25
C SER A 51 -6.18 25.17 -6.37
N VAL A 52 -5.37 25.13 -5.31
CA VAL A 52 -4.00 25.64 -5.34
C VAL A 52 -3.26 25.11 -6.55
N ARG A 53 -2.44 25.97 -7.17
CA ARG A 53 -1.67 25.57 -8.33
C ARG A 53 -0.49 24.72 -7.88
N GLY A 54 -0.22 23.64 -8.62
CA GLY A 54 0.96 22.84 -8.42
C GLY A 54 0.82 21.63 -7.53
N PHE A 55 -0.23 21.54 -6.72
CA PHE A 55 -0.48 20.35 -5.92
C PHE A 55 -1.97 20.33 -5.56
N GLY A 56 -2.38 19.33 -4.80
CA GLY A 56 -3.78 19.14 -4.50
C GLY A 56 -4.23 19.60 -3.13
N GLY A 57 -3.71 20.73 -2.67
CA GLY A 57 -4.19 21.34 -1.44
C GLY A 57 -3.49 20.76 -0.24
N GLY A 58 -3.76 21.35 0.92
CA GLY A 58 -3.20 20.82 2.14
C GLY A 58 -3.66 21.55 3.38
N THR A 59 -2.85 21.40 4.44
CA THR A 59 -3.04 22.09 5.71
C THR A 59 -1.70 22.63 6.18
N ILE A 60 -1.70 23.91 6.57
CA ILE A 60 -0.53 24.61 7.09
C ILE A 60 -0.60 24.60 8.61
N HIS A 61 0.48 24.15 9.25
CA HIS A 61 0.58 24.11 10.71
C HIS A 61 1.66 25.08 11.16
N TYR A 62 1.40 25.80 12.24
CA TYR A 62 2.35 26.84 12.64
C TYR A 62 2.26 27.07 14.13
N PRO A 63 3.37 27.42 14.78
CA PRO A 63 3.32 27.80 16.18
C PRO A 63 2.69 29.18 16.37
N THR A 64 2.07 29.37 17.53
CA THR A 64 1.38 30.62 17.83
C THR A 64 2.18 31.55 18.74
N ASN A 65 3.00 31.00 19.62
CA ASN A 65 3.72 31.80 20.62
C ASN A 65 5.23 31.80 20.37
N THR A 66 5.65 32.01 19.14
CA THR A 66 7.08 32.18 18.90
C THR A 66 7.37 33.58 18.42
N THR A 67 8.65 33.82 18.17
CA THR A 67 9.17 35.05 17.59
C THR A 67 10.17 34.64 16.52
N GLY A 68 10.52 35.58 15.65
CA GLY A 68 11.51 35.30 14.63
C GLY A 68 11.05 34.35 13.55
N THR A 69 11.86 34.20 12.51
CA THR A 69 11.54 33.29 11.43
C THR A 69 11.89 31.85 11.82
N MET A 70 11.48 30.92 10.96
CA MET A 70 11.68 29.50 11.17
C MET A 70 11.68 28.78 9.84
N ALA A 71 12.24 27.58 9.85
CA ALA A 71 12.31 26.80 8.62
C ALA A 71 10.92 26.34 8.19
N ALA A 72 10.76 26.19 6.89
CA ALA A 72 9.57 25.62 6.28
C ALA A 72 9.82 24.16 5.92
N ILE A 73 8.79 23.33 6.11
CA ILE A 73 8.80 21.90 5.76
C ILE A 73 7.49 21.53 5.08
N VAL A 74 7.60 20.72 4.04
CA VAL A 74 6.40 20.19 3.33
C VAL A 74 6.42 18.67 3.44
N VAL A 75 5.25 18.05 3.67
CA VAL A 75 5.16 16.57 3.81
C VAL A 75 4.17 16.02 2.76
N ILE A 76 4.65 15.12 1.89
CA ILE A 76 3.84 14.59 0.77
C ILE A 76 3.47 13.13 1.01
N PRO A 77 2.27 12.71 0.58
CA PRO A 77 1.86 11.32 0.72
C PRO A 77 2.34 10.35 -0.37
N GLY A 78 1.93 9.09 -0.24
CA GLY A 78 2.28 8.08 -1.26
C GLY A 78 1.13 7.71 -2.18
N PHE A 79 1.33 6.69 -3.03
CA PHE A 79 0.34 6.25 -4.05
C PHE A 79 -1.09 6.13 -3.52
N VAL A 80 -2.06 6.64 -4.27
CA VAL A 80 -3.51 6.56 -3.92
C VAL A 80 -3.75 6.80 -2.43
N SER A 81 -2.98 7.70 -1.85
CA SER A 81 -3.10 7.95 -0.39
C SER A 81 -3.44 9.40 -0.12
N PRO A 82 -4.39 9.68 0.79
CA PRO A 82 -4.69 11.04 1.19
C PRO A 82 -3.64 11.69 2.10
N GLU A 83 -3.57 13.02 2.12
CA GLU A 83 -2.63 13.78 2.98
C GLU A 83 -2.74 13.30 4.43
N SER A 84 -3.93 12.84 4.83
CA SER A 84 -4.07 12.44 6.23
C SER A 84 -3.16 11.29 6.60
N SER A 85 -2.72 10.52 5.61
CA SER A 85 -1.80 9.41 5.84
C SER A 85 -0.49 9.86 6.48
N ILE A 86 -0.07 11.11 6.28
CA ILE A 86 1.17 11.63 6.84
C ILE A 86 0.93 12.82 7.77
N ALA A 87 -0.32 13.19 8.00
CA ALA A 87 -0.59 14.48 8.63
C ALA A 87 -0.28 14.49 10.12
N TRP A 88 0.03 13.34 10.70
CA TRP A 88 0.57 13.32 12.06
C TRP A 88 1.80 14.19 12.18
N TRP A 89 2.58 14.30 11.10
CA TRP A 89 3.85 15.01 11.18
C TRP A 89 3.66 16.51 11.25
N GLY A 90 2.56 17.03 10.69
CA GLY A 90 2.26 18.44 10.69
C GLY A 90 2.31 19.05 12.08
N PRO A 91 1.35 18.69 12.93
CA PRO A 91 1.37 19.19 14.31
C PRO A 91 2.62 18.82 15.07
N LYS A 92 3.10 17.58 14.93
CA LYS A 92 4.25 17.16 15.71
C LYS A 92 5.45 18.05 15.42
N LEU A 93 5.65 18.45 14.16
CA LEU A 93 6.78 19.29 13.84
C LEU A 93 6.48 20.78 14.09
N ALA A 94 5.28 21.25 13.76
CA ALA A 94 5.02 22.67 14.00
C ALA A 94 5.24 23.03 15.46
N SER A 95 4.85 22.14 16.37
CA SER A 95 4.93 22.45 17.79
C SER A 95 6.35 22.60 18.29
N HIS A 96 7.37 22.24 17.51
CA HIS A 96 8.75 22.43 17.90
C HIS A 96 9.38 23.63 17.22
N GLY A 97 8.59 24.49 16.60
CA GLY A 97 9.12 25.66 15.94
C GLY A 97 9.33 25.55 14.43
N PHE A 98 8.39 24.95 13.70
CA PHE A 98 8.49 24.93 12.25
C PHE A 98 7.18 25.39 11.67
N VAL A 99 7.24 25.88 10.44
CA VAL A 99 6.05 25.94 9.59
C VAL A 99 6.03 24.68 8.75
N VAL A 100 4.93 23.93 8.83
CA VAL A 100 4.82 22.59 8.28
C VAL A 100 3.51 22.47 7.50
N MET A 101 3.60 22.24 6.20
CA MET A 101 2.45 22.01 5.34
C MET A 101 2.40 20.54 4.95
N THR A 102 1.30 19.88 5.30
CA THR A 102 1.00 18.55 4.79
C THR A 102 0.14 18.73 3.55
N ILE A 103 0.51 18.08 2.46
CA ILE A 103 -0.15 18.35 1.19
C ILE A 103 -0.81 17.09 0.64
N GLY A 104 -1.72 17.30 -0.30
CA GLY A 104 -2.28 16.22 -1.09
C GLY A 104 -1.80 16.32 -2.52
N THR A 105 -1.82 15.22 -3.26
CA THR A 105 -1.27 15.18 -4.61
C THR A 105 -2.36 15.50 -5.60
N ASN A 106 -1.96 15.89 -6.80
CA ASN A 106 -2.94 16.17 -7.84
C ASN A 106 -3.78 14.92 -8.13
N SER A 107 -3.13 13.79 -8.26
CA SER A 107 -3.79 12.53 -8.48
C SER A 107 -3.13 11.50 -7.57
N GLY A 108 -3.94 10.59 -7.03
CA GLY A 108 -3.41 9.44 -6.33
C GLY A 108 -2.56 8.51 -7.19
N PHE A 109 -2.56 8.73 -8.51
CA PHE A 109 -1.75 7.97 -9.44
C PHE A 109 -0.38 8.58 -9.68
N ASP A 110 -0.08 9.72 -9.06
CA ASP A 110 1.18 10.42 -9.31
C ASP A 110 2.37 9.54 -8.92
N GLN A 111 3.35 9.46 -9.79
CA GLN A 111 4.55 8.67 -9.53
C GLN A 111 5.63 9.56 -8.93
N PRO A 112 6.72 8.94 -8.36
CA PRO A 112 7.78 9.73 -7.72
C PRO A 112 8.11 11.05 -8.38
N ALA A 113 8.42 11.05 -9.68
CA ALA A 113 8.89 12.28 -10.31
C ALA A 113 7.83 13.36 -10.30
N SER A 114 6.55 12.98 -10.35
CA SER A 114 5.53 14.02 -10.23
C SER A 114 5.47 14.53 -8.81
N ARG A 115 5.59 13.62 -7.84
CA ARG A 115 5.51 13.97 -6.44
C ARG A 115 6.67 14.86 -6.00
N ALA A 116 7.79 14.85 -6.75
CA ALA A 116 8.90 15.75 -6.45
C ALA A 116 8.63 17.16 -6.98
N SER A 117 8.12 17.26 -8.21
CA SER A 117 7.71 18.57 -8.74
C SER A 117 6.65 19.22 -7.87
N GLN A 118 5.79 18.41 -7.26
CA GLN A 118 4.76 18.95 -6.40
C GLN A 118 5.31 19.31 -5.03
N LEU A 119 6.36 18.62 -4.59
CA LEU A 119 7.11 19.08 -3.43
C LEU A 119 7.64 20.49 -3.66
N ASN A 120 8.36 20.68 -4.77
CA ASN A 120 8.86 22.01 -5.12
C ASN A 120 7.73 23.01 -5.29
N ASN A 121 6.59 22.59 -5.86
CA ASN A 121 5.50 23.56 -6.05
C ASN A 121 4.90 23.98 -4.72
N ALA A 122 4.87 23.06 -3.75
CA ALA A 122 4.32 23.40 -2.45
C ALA A 122 5.35 24.18 -1.61
N LEU A 123 6.63 23.99 -1.87
CA LEU A 123 7.63 24.88 -1.26
C LEU A 123 7.53 26.27 -1.88
N ASP A 124 7.34 26.35 -3.19
CA ASP A 124 7.16 27.65 -3.81
C ASP A 124 5.91 28.34 -3.27
N TYR A 125 4.83 27.58 -3.06
CA TYR A 125 3.62 28.16 -2.50
C TYR A 125 3.88 28.74 -1.11
N LEU A 126 4.64 28.02 -0.28
CA LEU A 126 4.87 28.49 1.07
C LEU A 126 5.65 29.78 1.06
N ILE A 127 6.57 29.93 0.10
CA ILE A 127 7.35 31.15 -0.04
C ILE A 127 6.45 32.31 -0.45
N GLU A 128 5.53 32.06 -1.39
CA GLU A 128 4.54 33.07 -1.77
C GLU A 128 3.70 33.51 -0.58
N GLN A 129 3.21 32.54 0.22
CA GLN A 129 2.32 32.86 1.34
C GLN A 129 3.03 33.64 2.44
N ASN A 130 4.33 33.46 2.60
CA ASN A 130 5.13 34.24 3.59
C ASN A 130 5.10 35.74 3.21
N GLY A 131 4.84 36.05 1.94
CA GLY A 131 4.69 37.44 1.49
C GLY A 131 3.24 37.84 1.24
N SER A 132 2.27 37.03 1.68
CA SER A 132 0.82 37.31 1.44
C SER A 132 0.16 37.98 2.65
N SER A 133 -0.40 39.17 2.43
CA SER A 133 -1.12 39.89 3.49
C SER A 133 -2.20 39.01 4.09
N ARG A 134 -2.62 37.98 3.38
CA ARG A 134 -3.76 37.17 3.86
C ARG A 134 -3.28 35.87 4.52
N SER A 135 -1.98 35.64 4.61
CA SER A 135 -1.55 34.35 5.22
C SER A 135 -1.26 34.48 6.71
N PRO A 136 -1.68 33.50 7.52
CA PRO A 136 -1.35 33.48 8.94
C PRO A 136 0.16 33.28 9.20
N ILE A 137 0.94 33.05 8.16
CA ILE A 137 2.40 32.79 8.32
C ILE A 137 3.19 33.90 7.61
N ASN A 138 2.54 35.00 7.24
CA ASN A 138 3.21 36.16 6.57
C ASN A 138 4.35 36.69 7.45
N GLY A 139 5.58 36.65 6.95
CA GLY A 139 6.76 37.11 7.69
C GLY A 139 7.28 36.11 8.70
N MET A 140 6.74 34.90 8.72
CA MET A 140 7.13 33.91 9.74
C MET A 140 8.12 32.89 9.17
N ILE A 141 8.41 32.96 7.87
CA ILE A 141 9.25 31.91 7.29
C ILE A 141 10.57 32.50 6.82
N ASP A 142 11.67 31.87 7.22
CA ASP A 142 12.95 32.08 6.55
C ASP A 142 12.96 31.20 5.31
N THR A 143 12.80 31.81 4.14
CA THR A 143 12.57 31.11 2.89
C THR A 143 13.85 30.55 2.29
N ASP A 144 14.92 30.51 3.05
CA ASP A 144 16.10 29.79 2.62
C ASP A 144 16.32 28.49 3.37
N ARG A 145 15.62 28.27 4.49
CA ARG A 145 15.81 27.05 5.29
C ARG A 145 14.56 26.18 5.08
N LEU A 146 14.65 25.25 4.14
CA LEU A 146 13.51 24.47 3.71
C LEU A 146 13.79 22.98 3.87
N GLY A 147 12.75 22.24 4.26
CA GLY A 147 12.86 20.80 4.42
C GLY A 147 11.71 20.08 3.74
N VAL A 148 11.95 18.81 3.43
CA VAL A 148 10.95 18.01 2.73
C VAL A 148 10.83 16.65 3.39
N MET A 149 9.64 16.07 3.31
CA MET A 149 9.36 14.77 3.88
C MET A 149 8.41 14.06 2.92
N GLY A 150 8.48 12.75 2.87
CA GLY A 150 7.57 12.02 2.00
C GLY A 150 7.45 10.54 2.28
N TRP A 151 6.25 10.01 2.12
CA TRP A 151 5.97 8.59 2.31
C TRP A 151 5.98 7.85 0.97
N SER A 152 6.70 6.74 0.90
CA SER A 152 6.61 5.79 -0.23
C SER A 152 6.99 6.49 -1.52
N MET A 153 6.09 6.61 -2.51
CA MET A 153 6.43 7.35 -3.72
C MET A 153 6.72 8.81 -3.42
N GLY A 154 6.08 9.39 -2.41
CA GLY A 154 6.46 10.70 -1.95
C GLY A 154 7.79 10.68 -1.24
N GLY A 155 8.18 9.53 -0.71
CA GLY A 155 9.53 9.35 -0.20
C GLY A 155 10.56 9.30 -1.30
N GLY A 156 10.16 8.85 -2.49
CA GLY A 156 11.04 8.94 -3.63
C GLY A 156 11.11 10.36 -4.15
N GLY A 157 9.98 11.06 -4.13
CA GLY A 157 9.99 12.47 -4.47
C GLY A 157 10.87 13.29 -3.55
N THR A 158 10.91 12.90 -2.27
CA THR A 158 11.77 13.60 -1.31
C THR A 158 13.22 13.43 -1.68
N LEU A 159 13.65 12.18 -1.93
CA LEU A 159 15.02 11.91 -2.31
C LEU A 159 15.39 12.64 -3.61
N ARG A 160 14.46 12.72 -4.55
CA ARG A 160 14.72 13.43 -5.80
C ARG A 160 14.97 14.92 -5.54
N VAL A 161 14.15 15.53 -4.69
CA VAL A 161 14.36 16.93 -4.35
C VAL A 161 15.66 17.11 -3.58
N ALA A 162 16.10 16.07 -2.87
CA ALA A 162 17.35 16.16 -2.13
C ALA A 162 18.55 16.22 -3.04
N THR A 163 18.36 15.90 -4.32
CA THR A 163 19.41 16.01 -5.32
C THR A 163 19.54 17.42 -5.87
N GLU A 164 18.55 18.28 -5.65
CA GLU A 164 18.60 19.63 -6.21
C GLU A 164 19.34 20.62 -5.33
N GLY A 165 19.47 20.34 -4.04
CA GLY A 165 20.26 21.20 -3.19
C GLY A 165 19.58 22.48 -2.75
N ARG A 166 18.28 22.63 -3.00
CA ARG A 166 17.62 23.78 -2.42
C ARG A 166 17.30 23.50 -0.96
N VAL A 167 16.71 22.35 -0.68
CA VAL A 167 16.32 21.97 0.67
C VAL A 167 17.57 21.59 1.46
N SER A 168 17.54 21.87 2.76
CA SER A 168 18.66 21.59 3.66
C SER A 168 18.41 20.38 4.53
N ALA A 169 17.32 19.67 4.30
CA ALA A 169 17.01 18.47 5.07
C ALA A 169 15.96 17.66 4.31
N ALA A 170 16.15 16.35 4.30
CA ALA A 170 15.20 15.42 3.70
C ALA A 170 15.02 14.24 4.65
N ILE A 171 13.77 13.84 4.83
CA ILE A 171 13.39 12.66 5.61
C ILE A 171 12.42 11.85 4.76
N PRO A 172 12.90 10.90 3.96
CA PRO A 172 12.00 9.96 3.30
C PRO A 172 11.44 8.93 4.29
N LEU A 173 10.18 8.57 4.10
CA LEU A 173 9.49 7.60 4.97
C LEU A 173 9.04 6.44 4.12
N ALA A 174 9.67 5.29 4.32
CA ALA A 174 9.38 4.09 3.54
C ALA A 174 9.53 4.37 2.04
N PRO A 175 10.60 5.02 1.61
CA PRO A 175 10.64 5.53 0.23
C PRO A 175 10.48 4.43 -0.80
N TRP A 176 9.77 4.76 -1.89
CA TRP A 176 9.65 3.96 -3.09
C TRP A 176 10.19 4.78 -4.25
N ASP A 177 11.09 4.20 -5.04
CA ASP A 177 11.44 4.76 -6.36
C ASP A 177 11.94 3.61 -7.22
N SER A 178 12.35 3.94 -8.45
CA SER A 178 12.66 2.92 -9.44
C SER A 178 14.12 2.89 -9.82
N SER A 179 14.77 4.03 -9.90
CA SER A 179 16.21 4.10 -10.14
C SER A 179 16.91 4.63 -8.90
N SER A 180 17.99 3.95 -8.49
CA SER A 180 18.72 4.36 -7.30
C SER A 180 19.97 5.14 -7.62
N SER A 181 20.52 4.98 -8.83
CA SER A 181 21.76 5.66 -9.19
C SER A 181 21.62 7.18 -9.16
N GLN A 182 20.40 7.69 -9.37
CA GLN A 182 20.16 9.14 -9.33
C GLN A 182 20.45 9.76 -7.97
N PHE A 183 20.57 8.95 -6.92
CA PHE A 183 20.74 9.51 -5.58
C PHE A 183 22.20 9.72 -5.17
N ARG A 184 23.15 9.42 -6.07
CA ARG A 184 24.55 9.78 -5.83
C ARG A 184 24.80 11.28 -5.96
N SER A 185 23.78 12.04 -6.34
CA SER A 185 23.84 13.49 -6.34
C SER A 185 23.41 14.09 -5.01
N ILE A 186 23.05 13.26 -4.03
CA ILE A 186 22.42 13.78 -2.81
C ILE A 186 23.52 14.22 -1.86
N ASP A 187 23.67 15.54 -1.66
CA ASP A 187 24.70 16.15 -0.75
C ASP A 187 23.96 16.78 0.42
N THR A 188 22.64 16.73 0.42
CA THR A 188 21.66 17.20 1.37
C THR A 188 21.49 16.18 2.49
N PRO A 189 21.49 16.67 3.75
CA PRO A 189 21.33 15.77 4.90
C PRO A 189 20.03 14.98 4.89
N THR A 190 20.13 13.66 4.71
CA THR A 190 18.96 12.82 4.50
C THR A 190 18.90 11.72 5.56
N LEU A 191 17.75 11.65 6.22
CA LEU A 191 17.46 10.64 7.22
C LEU A 191 16.35 9.78 6.63
N ILE A 192 16.67 8.53 6.28
CA ILE A 192 15.69 7.63 5.68
C ILE A 192 15.12 6.73 6.75
N PHE A 193 13.82 6.82 6.98
CA PHE A 193 13.12 5.87 7.84
C PHE A 193 12.68 4.67 7.02
N ALA A 194 12.99 3.47 7.51
CA ALA A 194 12.66 2.23 6.82
C ALA A 194 11.80 1.36 7.73
N CYS A 195 10.98 0.50 7.14
CA CYS A 195 10.12 -0.40 7.89
C CYS A 195 10.54 -1.83 7.58
N GLU A 196 10.89 -2.59 8.62
CA GLU A 196 11.52 -3.90 8.44
C GLU A 196 10.64 -4.84 7.62
N ASN A 197 9.34 -4.86 7.90
CA ASN A 197 8.42 -5.76 7.19
C ASN A 197 7.63 -5.03 6.10
N ASP A 198 8.33 -4.24 5.28
CA ASP A 198 7.67 -3.46 4.23
C ASP A 198 7.54 -4.33 3.00
N SER A 199 6.31 -4.79 2.75
CA SER A 199 6.05 -5.60 1.56
C SER A 199 5.82 -4.72 0.35
N THR A 200 5.34 -3.50 0.56
CA THR A 200 5.01 -2.60 -0.53
C THR A 200 6.25 -1.98 -1.17
N ALA A 201 7.14 -1.42 -0.35
CA ALA A 201 8.46 -0.94 -0.78
C ALA A 201 9.51 -1.75 -0.02
N PRO A 202 9.87 -2.93 -0.53
CA PRO A 202 10.82 -3.78 0.20
C PRO A 202 12.12 -3.04 0.51
N VAL A 203 12.57 -3.14 1.76
CA VAL A 203 13.77 -2.43 2.22
C VAL A 203 14.93 -2.74 1.30
N ARG A 204 15.17 -4.03 1.06
CA ARG A 204 16.31 -4.52 0.30
C ARG A 204 16.32 -4.05 -1.16
N SER A 205 15.21 -3.53 -1.68
CA SER A 205 15.18 -3.00 -3.03
C SER A 205 14.93 -1.50 -3.10
N HIS A 206 14.67 -0.86 -1.96
CA HIS A 206 14.30 0.53 -1.95
C HIS A 206 15.14 1.30 -0.93
N ALA A 207 14.67 1.41 0.31
CA ALA A 207 15.40 2.19 1.32
C ALA A 207 16.89 1.85 1.35
N ASP A 208 17.20 0.56 1.36
CA ASP A 208 18.57 0.09 1.49
C ASP A 208 19.45 0.58 0.35
N PRO A 209 19.10 0.40 -0.94
CA PRO A 209 19.98 0.92 -1.98
C PRO A 209 19.97 2.43 -2.13
N PHE A 210 18.92 3.12 -1.65
CA PHE A 210 18.92 4.58 -1.72
C PHE A 210 19.90 5.18 -0.73
N TYR A 211 19.89 4.67 0.50
CA TYR A 211 20.89 5.08 1.48
C TYR A 211 22.30 4.82 0.97
N ASP A 212 22.56 3.59 0.48
CA ASP A 212 23.90 3.23 0.02
C ASP A 212 24.38 4.13 -1.10
N ALA A 213 23.47 4.51 -2.00
CA ALA A 213 23.84 5.35 -3.13
C ALA A 213 24.22 6.78 -2.71
N ILE A 214 23.82 7.22 -1.53
CA ILE A 214 24.20 8.56 -1.07
C ILE A 214 25.69 8.57 -0.74
N PRO A 215 26.44 9.60 -1.15
CA PRO A 215 27.87 9.66 -0.80
C PRO A 215 28.09 9.63 0.71
N ASP A 216 29.15 8.92 1.13
CA ASP A 216 29.49 8.88 2.55
C ASP A 216 29.80 10.25 3.12
N SER A 217 30.17 11.21 2.28
CA SER A 217 30.43 12.57 2.73
C SER A 217 29.16 13.27 3.18
N THR A 218 28.00 12.89 2.65
CA THR A 218 26.75 13.50 3.06
C THR A 218 26.34 13.03 4.45
N ALA A 219 25.97 13.97 5.31
CA ALA A 219 25.30 13.59 6.55
C ALA A 219 24.04 12.79 6.22
N LYS A 220 24.00 11.53 6.62
CA LYS A 220 22.85 10.69 6.33
C LYS A 220 22.63 9.73 7.47
N ALA A 221 21.48 9.07 7.44
CA ALA A 221 21.08 8.19 8.52
C ALA A 221 20.06 7.21 7.99
N PHE A 222 20.24 5.94 8.35
CA PHE A 222 19.30 4.87 8.03
C PHE A 222 18.76 4.34 9.35
N VAL A 223 17.48 4.58 9.64
CA VAL A 223 16.84 4.08 10.86
C VAL A 223 15.74 3.14 10.43
N GLU A 224 16.05 1.85 10.40
CA GLU A 224 15.06 0.80 10.17
C GLU A 224 14.32 0.54 11.47
N LEU A 225 12.99 0.58 11.42
CA LEU A 225 12.16 0.40 12.59
C LEU A 225 11.72 -1.05 12.73
N ASP A 226 11.64 -1.52 13.98
CA ASP A 226 11.64 -2.95 14.28
C ASP A 226 10.26 -3.58 14.05
N GLY A 227 10.18 -4.48 13.08
CA GLY A 227 8.98 -5.25 12.87
C GLY A 227 7.87 -4.55 12.10
N GLY A 228 7.99 -3.24 11.84
CA GLY A 228 6.90 -2.49 11.24
C GLY A 228 6.80 -2.65 9.74
N GLY A 229 5.60 -2.34 9.23
CA GLY A 229 5.30 -2.41 7.81
C GLY A 229 5.20 -1.02 7.20
N HIS A 230 4.78 -1.00 5.94
CA HIS A 230 4.84 0.17 5.07
C HIS A 230 4.44 1.50 5.71
N THR A 231 3.50 1.49 6.66
CA THR A 231 3.07 2.74 7.28
C THR A 231 3.74 3.01 8.61
N CYS A 232 4.85 2.33 8.93
CA CYS A 232 5.40 2.44 10.28
C CYS A 232 6.05 3.78 10.57
N ALA A 233 6.37 4.59 9.57
CA ALA A 233 7.05 5.86 9.81
C ALA A 233 6.12 7.06 9.70
N ASN A 234 4.80 6.85 9.66
CA ASN A 234 3.84 7.91 9.42
C ASN A 234 3.31 8.56 10.70
N GLY A 235 3.57 7.95 11.86
CA GLY A 235 3.00 8.42 13.11
C GLY A 235 1.55 7.99 13.20
N SER A 236 0.95 8.11 14.39
CA SER A 236 -0.49 7.86 14.52
C SER A 236 -0.97 8.42 15.84
N SER A 237 -2.16 9.04 15.82
CA SER A 237 -2.76 9.54 17.05
C SER A 237 -3.51 8.46 17.82
N GLY A 238 -3.67 7.27 17.25
CA GLY A 238 -4.36 6.18 17.93
C GLY A 238 -3.83 4.80 17.62
N PHE A 239 -4.49 4.13 16.66
CA PHE A 239 -4.09 2.79 16.24
C PHE A 239 -2.67 2.79 15.69
N GLY A 240 -1.87 1.84 16.16
CA GLY A 240 -0.49 1.73 15.68
C GLY A 240 0.43 2.54 16.54
N GLY A 241 1.31 3.33 15.92
CA GLY A 241 2.03 4.38 16.61
C GLY A 241 2.89 3.94 17.77
N SER A 242 3.43 2.72 17.71
CA SER A 242 4.44 2.33 18.68
C SER A 242 5.78 3.00 18.36
N TYR A 243 5.90 3.61 17.19
CA TYR A 243 7.14 4.24 16.78
C TYR A 243 7.18 5.73 17.06
N ASN A 244 6.14 6.29 17.67
CA ASN A 244 6.04 7.74 17.80
C ASN A 244 7.27 8.36 18.44
N ASP A 245 7.95 7.61 19.31
CA ASP A 245 9.05 8.21 20.06
C ASP A 245 10.36 8.19 19.27
N VAL A 246 10.63 7.12 18.52
CA VAL A 246 11.77 7.18 17.59
C VAL A 246 11.52 8.25 16.52
N LEU A 247 10.29 8.29 15.99
CA LEU A 247 9.97 9.29 14.99
C LEU A 247 10.16 10.69 15.55
N SER A 248 9.62 10.95 16.75
CA SER A 248 9.73 12.27 17.37
C SER A 248 11.17 12.61 17.73
N ARG A 249 11.86 11.70 18.42
CA ARG A 249 13.23 11.98 18.87
C ARG A 249 14.16 12.22 17.70
N LEU A 250 14.11 11.34 16.69
CA LEU A 250 15.10 11.42 15.62
C LEU A 250 14.67 12.39 14.52
N GLY A 251 13.37 12.42 14.19
CA GLY A 251 12.89 13.34 13.17
C GLY A 251 13.00 14.80 13.59
N VAL A 252 12.47 15.14 14.76
CA VAL A 252 12.54 16.54 15.22
C VAL A 252 14.00 16.98 15.32
N SER A 253 14.86 16.13 15.89
CA SER A 253 16.26 16.50 16.08
C SER A 253 16.96 16.69 14.74
N TRP A 254 16.75 15.75 13.81
CA TRP A 254 17.31 15.88 12.47
C TRP A 254 16.94 17.21 11.83
N MET A 255 15.67 17.62 11.96
CA MET A 255 15.22 18.88 11.40
C MET A 255 15.78 20.05 12.20
N LYS A 256 15.82 19.91 13.52
CA LYS A 256 16.42 20.94 14.36
C LYS A 256 17.91 21.08 14.07
N LEU A 257 18.60 19.96 13.86
CA LEU A 257 20.04 20.00 13.60
C LEU A 257 20.34 20.61 12.24
N HIS A 258 19.58 20.23 11.21
CA HIS A 258 20.01 20.60 9.87
C HIS A 258 19.27 21.80 9.29
N LEU A 259 18.05 22.08 9.76
CA LEU A 259 17.36 23.29 9.34
C LEU A 259 17.74 24.49 10.22
N ASP A 260 17.85 24.28 11.54
CA ASP A 260 18.15 25.38 12.44
C ASP A 260 19.60 25.38 12.90
N LYS A 261 20.48 24.61 12.24
CA LYS A 261 21.89 24.47 12.60
C LYS A 261 22.10 24.47 14.11
N ASP A 262 21.19 23.78 14.80
CA ASP A 262 21.09 23.81 16.25
C ASP A 262 21.85 22.61 16.82
N GLN A 263 23.12 22.83 17.18
CA GLN A 263 23.94 21.71 17.66
C GLN A 263 23.39 21.10 18.94
N ARG A 264 22.61 21.83 19.72
CA ARG A 264 22.04 21.29 20.95
C ARG A 264 21.21 20.02 20.73
N TYR A 265 20.85 19.71 19.49
CA TYR A 265 20.10 18.51 19.14
C TYR A 265 20.99 17.45 18.47
N ASN A 266 22.29 17.69 18.38
CA ASN A 266 23.22 16.70 17.85
C ASN A 266 23.24 15.44 18.69
N GLN A 267 23.07 15.56 20.01
CA GLN A 267 23.27 14.43 20.91
C GLN A 267 22.29 13.29 20.67
N PHE A 268 21.21 13.54 19.96
CA PHE A 268 20.20 12.51 19.77
C PHE A 268 20.32 11.82 18.41
N VAL A 269 21.14 12.35 17.49
CA VAL A 269 21.40 11.70 16.22
C VAL A 269 22.80 11.06 16.20
N CYS A 270 23.80 11.72 16.77
CA CYS A 270 25.20 11.27 16.75
C CYS A 270 25.72 11.13 18.18
N GLY A 271 26.00 9.89 18.59
CA GLY A 271 26.36 9.63 19.97
C GLY A 271 25.69 8.44 20.61
N PRO A 272 24.37 8.28 20.44
CA PRO A 272 23.67 7.15 21.06
C PRO A 272 23.86 5.86 20.30
N ASN A 273 23.53 4.77 20.98
CA ASN A 273 23.45 3.45 20.35
C ASN A 273 22.00 3.22 19.97
N HIS A 274 21.72 3.28 18.68
CA HIS A 274 20.32 3.35 18.24
C HIS A 274 19.66 1.98 18.28
N GLU A 275 20.38 0.92 17.87
CA GLU A 275 19.83 -0.42 17.90
C GLU A 275 19.49 -0.87 19.31
N SER A 276 19.99 -0.18 20.34
CA SER A 276 19.57 -0.42 21.71
C SER A 276 18.12 -0.02 21.93
N ASP A 277 17.57 0.86 21.10
CA ASP A 277 16.15 1.16 21.12
C ASP A 277 15.35 -0.05 20.64
N ARG A 278 14.34 -0.45 21.40
CA ARG A 278 13.52 -1.63 21.03
C ARG A 278 12.84 -1.39 19.68
N SER A 279 12.63 -0.13 19.30
CA SER A 279 11.91 0.18 18.05
C SER A 279 12.86 0.28 16.86
N ILE A 280 14.17 0.22 17.09
CA ILE A 280 15.16 0.38 16.00
C ILE A 280 15.80 -0.98 15.72
N SER A 281 15.59 -1.50 14.51
CA SER A 281 16.10 -2.83 14.15
C SER A 281 17.50 -2.72 13.57
N GLU A 282 17.73 -1.73 12.71
CA GLU A 282 19.06 -1.51 12.14
C GLU A 282 19.31 -0.02 11.97
N TYR A 283 20.43 0.46 12.51
CA TYR A 283 20.82 1.85 12.27
C TYR A 283 22.10 1.86 11.45
N ARG A 284 22.20 2.81 10.54
CA ARG A 284 23.43 3.02 9.76
C ARG A 284 23.57 4.54 9.75
N GLY A 285 24.80 5.03 9.73
CA GLY A 285 24.97 6.48 9.65
C GLY A 285 26.33 6.91 9.19
N THR A 286 26.55 8.21 9.20
CA THR A 286 27.84 8.80 8.85
C THR A 286 28.32 9.77 9.92
N CYS A 287 27.85 9.61 11.15
CA CYS A 287 28.37 10.35 12.28
C CYS A 287 29.89 10.18 12.34
N PRO A 288 30.65 11.27 12.45
CA PRO A 288 30.14 12.60 12.80
C PRO A 288 29.81 13.51 11.61
N TYR A 289 28.93 14.49 11.83
CA TYR A 289 28.50 15.43 10.79
C TYR A 289 29.25 16.75 10.95
N LEU A 290 29.88 17.21 9.86
CA LEU A 290 30.79 18.36 9.88
C LEU A 290 31.78 18.26 11.05
N ASP B 20 -26.71 -30.08 -12.80
CA ASP B 20 -26.49 -31.46 -13.35
C ASP B 20 -25.63 -31.38 -14.60
N CYS B 21 -24.62 -30.52 -14.59
CA CYS B 21 -23.81 -30.30 -15.83
C CYS B 21 -22.74 -31.40 -15.97
N GLY B 22 -22.31 -31.99 -14.85
CA GLY B 22 -21.31 -33.06 -14.89
C GLY B 22 -19.92 -32.50 -14.71
N TYR B 23 -19.83 -31.33 -14.06
CA TYR B 23 -18.53 -30.66 -13.88
C TYR B 23 -18.01 -31.02 -12.49
N GLU B 24 -18.84 -31.69 -11.71
CA GLU B 24 -18.48 -31.98 -10.30
C GLU B 24 -17.26 -32.90 -10.22
N ARG B 25 -16.51 -32.75 -9.16
CA ARG B 25 -15.26 -33.51 -9.03
C ARG B 25 -14.86 -33.59 -7.55
N GLY B 26 -14.21 -34.68 -7.17
CA GLY B 26 -13.72 -34.83 -5.83
C GLY B 26 -14.80 -35.35 -4.92
N PRO B 27 -14.43 -35.62 -3.65
CA PRO B 27 -15.40 -36.20 -2.70
C PRO B 27 -16.56 -35.29 -2.41
N ASP B 28 -17.51 -35.77 -1.60
CA ASP B 28 -18.51 -34.89 -1.05
C ASP B 28 -17.81 -34.00 -0.02
N PRO B 29 -17.87 -32.68 -0.15
CA PRO B 29 -17.08 -31.82 0.74
C PRO B 29 -17.60 -31.80 2.17
N SER B 30 -16.72 -31.27 3.02
CA SER B 30 -16.96 -30.98 4.41
C SER B 30 -16.02 -29.86 4.82
N VAL B 31 -16.24 -29.32 6.01
CA VAL B 31 -15.48 -28.15 6.45
C VAL B 31 -13.98 -28.46 6.49
N SER B 32 -13.62 -29.65 6.98
CA SER B 32 -12.21 -29.95 7.18
C SER B 32 -11.50 -30.18 5.85
N LEU B 33 -12.18 -30.82 4.89
CA LEU B 33 -11.64 -30.91 3.55
C LEU B 33 -11.40 -29.52 2.97
N LEU B 34 -12.29 -28.58 3.29
CA LEU B 34 -12.17 -27.19 2.84
C LEU B 34 -11.08 -26.42 3.56
N GLU B 35 -10.69 -26.83 4.77
CA GLU B 35 -9.75 -26.06 5.57
C GLU B 35 -8.41 -26.75 5.70
N ALA B 36 -8.22 -27.87 5.00
CA ALA B 36 -6.91 -28.46 4.83
C ALA B 36 -5.99 -27.50 4.09
N SER B 37 -4.68 -27.77 4.15
CA SER B 37 -3.73 -26.89 3.47
C SER B 37 -3.73 -27.10 1.97
N THR B 38 -4.14 -28.28 1.50
CA THR B 38 -4.37 -28.52 0.08
C THR B 38 -5.66 -29.30 -0.08
N GLY B 39 -6.17 -29.28 -1.31
CA GLY B 39 -7.35 -30.04 -1.63
C GLY B 39 -7.04 -31.50 -1.84
N PRO B 40 -8.00 -32.26 -2.35
CA PRO B 40 -7.79 -33.69 -2.60
C PRO B 40 -6.75 -34.00 -3.69
N PHE B 41 -6.34 -33.02 -4.49
CA PHE B 41 -5.44 -33.26 -5.61
C PHE B 41 -4.08 -32.60 -5.41
N SER B 42 -3.07 -33.18 -6.05
CA SER B 42 -1.71 -32.67 -5.96
C SER B 42 -1.42 -31.76 -7.13
N VAL B 43 -0.51 -30.83 -6.93
CA VAL B 43 -0.38 -29.75 -7.89
C VAL B 43 1.04 -29.70 -8.44
N ARG B 44 1.17 -29.02 -9.58
CA ARG B 44 2.45 -28.73 -10.23
C ARG B 44 2.36 -27.32 -10.76
N THR B 45 3.50 -26.77 -11.18
CA THR B 45 3.57 -25.40 -11.66
C THR B 45 4.33 -25.36 -12.99
N SER B 46 3.98 -24.37 -13.81
CA SER B 46 4.56 -24.18 -15.14
C SER B 46 4.82 -22.69 -15.34
N ASN B 47 6.06 -22.31 -15.68
CA ASN B 47 6.37 -20.90 -15.73
C ASN B 47 5.89 -20.27 -17.04
N VAL B 48 5.40 -19.04 -16.92
CA VAL B 48 5.02 -18.22 -18.06
C VAL B 48 5.97 -17.04 -18.03
N SER B 49 6.88 -16.98 -18.99
CA SER B 49 7.79 -15.86 -19.11
C SER B 49 7.01 -14.57 -19.29
N SER B 50 7.55 -13.48 -18.74
CA SER B 50 6.94 -12.16 -18.85
C SER B 50 7.02 -11.58 -20.25
N SER B 51 7.69 -12.24 -21.18
CA SER B 51 7.55 -11.85 -22.59
C SER B 51 6.18 -12.15 -23.15
N VAL B 52 5.33 -12.88 -22.41
CA VAL B 52 3.97 -13.18 -22.85
C VAL B 52 3.26 -11.90 -23.28
N ARG B 53 2.43 -12.02 -24.32
CA ARG B 53 1.68 -10.89 -24.85
C ARG B 53 0.48 -10.58 -23.96
N GLY B 54 0.37 -9.33 -23.54
CA GLY B 54 -0.81 -8.84 -22.87
C GLY B 54 -0.73 -8.78 -21.36
N PHE B 55 0.29 -9.36 -20.75
CA PHE B 55 0.47 -9.22 -19.31
C PHE B 55 1.94 -9.52 -19.02
N GLY B 56 2.31 -9.42 -17.75
CA GLY B 56 3.70 -9.53 -17.35
C GLY B 56 4.07 -10.87 -16.76
N GLY B 57 3.74 -11.95 -17.47
CA GLY B 57 4.15 -13.28 -17.07
C GLY B 57 3.38 -13.74 -15.86
N GLY B 58 3.68 -14.98 -15.46
CA GLY B 58 3.11 -15.55 -14.27
C GLY B 58 3.48 -17.01 -14.09
N THR B 59 2.63 -17.71 -13.33
CA THR B 59 2.82 -19.12 -12.98
C THR B 59 1.48 -19.84 -13.08
N ILE B 60 1.46 -20.94 -13.83
CA ILE B 60 0.26 -21.76 -14.06
C ILE B 60 0.26 -22.92 -13.06
N HIS B 61 -0.85 -23.08 -12.33
CA HIS B 61 -0.99 -24.12 -11.31
C HIS B 61 -2.05 -25.11 -11.73
N TYR B 62 -1.74 -26.40 -11.61
CA TYR B 62 -2.66 -27.38 -12.13
C TYR B 62 -2.59 -28.66 -11.31
N PRO B 63 -3.71 -29.34 -11.11
CA PRO B 63 -3.68 -30.64 -10.44
C PRO B 63 -3.16 -31.74 -11.36
N THR B 64 -2.60 -32.78 -10.75
CA THR B 64 -1.91 -33.86 -11.46
C THR B 64 -2.74 -35.13 -11.59
N ASN B 65 -3.38 -35.55 -10.50
CA ASN B 65 -4.03 -36.85 -10.43
C ASN B 65 -5.52 -36.79 -10.74
N THR B 66 -5.95 -35.81 -11.52
CA THR B 66 -7.36 -35.71 -11.87
C THR B 66 -7.57 -36.14 -13.31
N THR B 67 -8.83 -36.34 -13.64
CA THR B 67 -9.25 -36.51 -15.02
C THR B 67 -10.33 -35.48 -15.31
N GLY B 68 -10.66 -35.34 -16.58
CA GLY B 68 -11.73 -34.46 -16.99
C GLY B 68 -11.27 -33.01 -17.10
N THR B 69 -12.09 -32.21 -17.78
CA THR B 69 -11.82 -30.78 -17.86
C THR B 69 -12.20 -30.09 -16.55
N MET B 70 -11.76 -28.84 -16.43
CA MET B 70 -11.96 -28.06 -15.21
C MET B 70 -11.91 -26.58 -15.54
N ALA B 71 -12.42 -25.79 -14.61
CA ALA B 71 -12.51 -24.35 -14.79
C ALA B 71 -11.11 -23.73 -14.71
N ALA B 72 -10.96 -22.60 -15.42
CA ALA B 72 -9.76 -21.77 -15.35
C ALA B 72 -10.01 -20.55 -14.46
N ILE B 73 -8.99 -20.16 -13.68
CA ILE B 73 -9.04 -18.94 -12.88
C ILE B 73 -7.73 -18.17 -13.03
N VAL B 74 -7.83 -16.88 -13.29
CA VAL B 74 -6.67 -15.97 -13.34
C VAL B 74 -6.70 -15.06 -12.11
N VAL B 75 -5.54 -14.84 -11.50
CA VAL B 75 -5.43 -14.08 -10.25
C VAL B 75 -4.42 -12.96 -10.42
N ILE B 76 -4.89 -11.73 -10.32
CA ILE B 76 -4.02 -10.53 -10.61
C ILE B 76 -3.70 -9.73 -9.34
N PRO B 77 -2.47 -9.22 -9.22
CA PRO B 77 -2.08 -8.41 -8.08
C PRO B 77 -2.58 -6.96 -8.16
N GLY B 78 -2.20 -6.14 -7.17
CA GLY B 78 -2.60 -4.73 -7.18
C GLY B 78 -1.48 -3.75 -6.91
N PHE B 79 -1.50 -2.58 -7.54
CA PHE B 79 -0.51 -1.47 -7.34
C PHE B 79 0.90 -1.92 -7.76
N VAL B 80 1.92 -1.57 -7.00
CA VAL B 80 3.30 -1.93 -7.46
C VAL B 80 3.60 -3.34 -6.98
N SER B 81 2.56 -4.14 -6.80
CA SER B 81 2.73 -5.49 -6.21
C SER B 81 3.18 -6.52 -7.25
N PRO B 82 4.00 -7.51 -6.85
CA PRO B 82 4.33 -8.61 -7.72
C PRO B 82 3.33 -9.78 -7.60
N GLU B 83 3.38 -10.72 -8.55
CA GLU B 83 2.49 -11.91 -8.53
C GLU B 83 2.51 -12.56 -7.15
N SER B 84 3.67 -12.61 -6.51
CA SER B 84 3.85 -13.24 -5.19
C SER B 84 2.85 -12.72 -4.16
N SER B 85 2.32 -11.52 -4.38
CA SER B 85 1.37 -10.87 -3.45
C SER B 85 0.02 -11.59 -3.42
N ILE B 86 -0.25 -12.45 -4.40
CA ILE B 86 -1.56 -13.15 -4.51
C ILE B 86 -1.29 -14.62 -4.85
N ALA B 87 -0.05 -15.07 -4.66
CA ALA B 87 0.37 -16.42 -5.13
C ALA B 87 -0.16 -17.56 -4.27
N TRP B 88 -0.45 -17.29 -2.99
CA TRP B 88 -1.01 -18.33 -2.10
C TRP B 88 -2.27 -18.91 -2.74
N TRP B 89 -2.92 -18.14 -3.60
CA TRP B 89 -4.20 -18.56 -4.22
C TRP B 89 -4.03 -19.60 -5.35
N GLY B 90 -2.87 -19.66 -5.99
CA GLY B 90 -2.61 -20.61 -7.08
C GLY B 90 -2.67 -22.05 -6.61
N PRO B 91 -1.74 -22.48 -5.73
CA PRO B 91 -1.77 -23.83 -5.20
C PRO B 91 -3.09 -24.14 -4.48
N LYS B 92 -3.59 -23.19 -3.68
CA LYS B 92 -4.82 -23.42 -2.88
C LYS B 92 -5.98 -23.85 -3.77
N LEU B 93 -6.26 -23.10 -4.82
CA LEU B 93 -7.39 -23.41 -5.72
C LEU B 93 -7.06 -24.60 -6.64
N ALA B 94 -5.83 -24.71 -7.12
CA ALA B 94 -5.48 -25.80 -8.06
C ALA B 94 -5.66 -27.16 -7.38
N SER B 95 -5.39 -27.25 -6.08
CA SER B 95 -5.51 -28.50 -5.30
C SER B 95 -6.97 -28.97 -5.19
N HIS B 96 -7.92 -28.10 -5.51
CA HIS B 96 -9.35 -28.43 -5.38
C HIS B 96 -9.95 -28.66 -6.76
N GLY B 97 -9.10 -28.79 -7.77
CA GLY B 97 -9.56 -29.16 -9.12
C GLY B 97 -9.81 -27.99 -10.03
N PHE B 98 -8.83 -27.11 -10.16
CA PHE B 98 -8.96 -25.94 -11.05
C PHE B 98 -7.62 -25.61 -11.68
N VAL B 99 -7.64 -25.11 -12.91
CA VAL B 99 -6.39 -24.58 -13.51
C VAL B 99 -6.32 -23.12 -13.06
N VAL B 100 -5.23 -22.75 -12.38
CA VAL B 100 -5.14 -21.39 -11.80
C VAL B 100 -3.82 -20.71 -12.21
N MET B 101 -3.93 -19.51 -12.76
CA MET B 101 -2.73 -18.76 -13.18
C MET B 101 -2.56 -17.50 -12.33
N THR B 102 -1.44 -17.44 -11.62
CA THR B 102 -1.08 -16.24 -10.83
C THR B 102 -0.24 -15.40 -11.79
N ILE B 103 -0.67 -14.18 -12.06
CA ILE B 103 0.04 -13.39 -13.09
C ILE B 103 0.70 -12.14 -12.52
N GLY B 104 1.53 -11.52 -13.33
CA GLY B 104 2.10 -10.22 -12.99
C GLY B 104 1.60 -9.21 -14.01
N THR B 105 1.86 -7.93 -13.80
CA THR B 105 1.30 -6.89 -14.68
C THR B 105 2.37 -6.30 -15.59
N ASN B 106 1.95 -5.59 -16.62
CA ASN B 106 2.90 -4.94 -17.56
C ASN B 106 3.67 -3.86 -16.81
N SER B 107 3.05 -3.24 -15.81
CA SER B 107 3.73 -2.22 -14.97
C SER B 107 3.01 -2.20 -13.62
N GLY B 108 3.71 -1.82 -12.56
CA GLY B 108 3.06 -1.67 -11.25
C GLY B 108 2.27 -0.38 -11.21
N PHE B 109 2.32 0.40 -12.28
CA PHE B 109 1.60 1.69 -12.36
C PHE B 109 0.26 1.45 -13.06
N ASP B 110 -0.01 0.20 -13.41
CA ASP B 110 -1.26 -0.14 -14.12
C ASP B 110 -2.47 0.19 -13.23
N GLN B 111 -3.40 0.96 -13.78
CA GLN B 111 -4.61 1.34 -13.08
C GLN B 111 -5.69 0.30 -13.29
N PRO B 112 -6.81 0.37 -12.55
CA PRO B 112 -7.84 -0.69 -12.65
C PRO B 112 -8.19 -1.12 -14.07
N ALA B 113 -8.52 -0.18 -14.97
CA ALA B 113 -9.02 -0.60 -16.27
C ALA B 113 -7.96 -1.33 -17.06
N SER B 114 -6.68 -0.96 -16.88
CA SER B 114 -5.63 -1.74 -17.52
C SER B 114 -5.61 -3.17 -16.98
N ARG B 115 -5.69 -3.31 -15.66
CA ARG B 115 -5.58 -4.63 -15.06
C ARG B 115 -6.76 -5.51 -15.44
N ALA B 116 -7.91 -4.93 -15.77
CA ALA B 116 -9.03 -5.72 -16.29
C ALA B 116 -8.73 -6.22 -17.70
N SER B 117 -8.09 -5.40 -18.53
CA SER B 117 -7.74 -5.84 -19.87
C SER B 117 -6.73 -6.97 -19.84
N GLN B 118 -5.84 -6.96 -18.85
CA GLN B 118 -4.81 -7.99 -18.74
C GLN B 118 -5.35 -9.25 -18.10
N LEU B 119 -6.42 -9.13 -17.30
CA LEU B 119 -7.19 -10.31 -16.90
C LEU B 119 -7.70 -11.04 -18.13
N ASN B 120 -8.38 -10.31 -19.01
CA ASN B 120 -8.88 -10.90 -20.24
C ASN B 120 -7.76 -11.52 -21.06
N ASN B 121 -6.61 -10.84 -21.16
CA ASN B 121 -5.54 -11.38 -21.99
C ASN B 121 -4.96 -12.64 -21.37
N ALA B 122 -4.93 -12.71 -20.04
CA ALA B 122 -4.45 -13.93 -19.39
C ALA B 122 -5.48 -15.06 -19.50
N LEU B 123 -6.77 -14.75 -19.49
CA LEU B 123 -7.78 -15.75 -19.83
C LEU B 123 -7.59 -16.23 -21.26
N ASP B 124 -7.52 -15.30 -22.21
CA ASP B 124 -7.25 -15.67 -23.59
C ASP B 124 -5.97 -16.47 -23.74
N TYR B 125 -4.94 -16.16 -22.94
CA TYR B 125 -3.70 -16.92 -23.00
C TYR B 125 -3.91 -18.37 -22.55
N LEU B 126 -4.57 -18.55 -21.41
CA LEU B 126 -4.84 -19.90 -20.94
C LEU B 126 -5.66 -20.67 -21.96
N ILE B 127 -6.61 -19.98 -22.60
CA ILE B 127 -7.43 -20.61 -23.62
C ILE B 127 -6.57 -21.05 -24.79
N GLU B 128 -5.54 -20.28 -25.08
CA GLU B 128 -4.62 -20.66 -26.14
C GLU B 128 -3.82 -21.89 -25.73
N GLN B 129 -3.27 -21.88 -24.51
CA GLN B 129 -2.39 -22.96 -24.07
C GLN B 129 -3.14 -24.29 -23.96
N ASN B 130 -4.42 -24.23 -23.61
CA ASN B 130 -5.26 -25.42 -23.66
C ASN B 130 -5.24 -26.08 -25.03
N GLY B 131 -4.92 -25.32 -26.08
CA GLY B 131 -4.80 -25.88 -27.44
C GLY B 131 -3.36 -26.12 -27.86
N SER B 132 -2.39 -25.77 -27.01
CA SER B 132 -0.94 -25.90 -27.34
C SER B 132 -0.37 -27.27 -27.00
N SER B 133 0.37 -27.86 -27.93
CA SER B 133 1.02 -29.18 -27.73
C SER B 133 2.15 -29.10 -26.73
N ARG B 134 2.54 -27.90 -26.30
CA ARG B 134 3.69 -27.74 -25.40
C ARG B 134 3.19 -27.39 -24.00
N SER B 135 1.90 -27.14 -23.88
CA SER B 135 1.33 -26.77 -22.56
C SER B 135 1.07 -28.00 -21.69
N PRO B 136 1.44 -27.95 -20.40
CA PRO B 136 1.08 -29.03 -19.48
C PRO B 136 -0.42 -29.04 -19.18
N ILE B 137 -1.14 -28.02 -19.65
CA ILE B 137 -2.61 -27.93 -19.39
C ILE B 137 -3.37 -28.16 -20.70
N ASN B 138 -2.66 -28.55 -21.76
CA ASN B 138 -3.26 -28.90 -23.03
C ASN B 138 -4.42 -29.89 -22.85
N GLY B 139 -5.61 -29.50 -23.30
CA GLY B 139 -6.78 -30.35 -23.19
C GLY B 139 -7.34 -30.54 -21.80
N MET B 140 -6.94 -29.70 -20.85
CA MET B 140 -7.30 -29.85 -19.45
C MET B 140 -8.31 -28.82 -18.98
N ILE B 141 -8.64 -27.82 -19.80
CA ILE B 141 -9.46 -26.70 -19.39
C ILE B 141 -10.79 -26.76 -20.12
N ASP B 142 -11.88 -26.53 -19.39
CA ASP B 142 -13.16 -26.19 -20.01
C ASP B 142 -13.17 -24.68 -20.19
N THR B 143 -13.00 -24.25 -21.43
CA THR B 143 -12.78 -22.83 -21.74
C THR B 143 -14.05 -22.02 -21.68
N ASP B 144 -15.15 -22.62 -21.26
CA ASP B 144 -16.38 -21.87 -21.04
C ASP B 144 -16.63 -21.57 -19.56
N ARG B 145 -15.83 -22.12 -18.66
CA ARG B 145 -16.03 -21.93 -17.23
C ARG B 145 -14.76 -21.24 -16.70
N LEU B 146 -14.83 -19.92 -16.55
CA LEU B 146 -13.69 -19.07 -16.23
C LEU B 146 -14.00 -18.19 -15.03
N GLY B 147 -13.01 -18.08 -14.16
CA GLY B 147 -13.13 -17.22 -12.97
C GLY B 147 -11.99 -16.24 -12.87
N VAL B 148 -12.24 -15.13 -12.18
CA VAL B 148 -11.23 -14.04 -12.03
C VAL B 148 -11.09 -13.67 -10.55
N MET B 149 -9.89 -13.27 -10.18
CA MET B 149 -9.61 -12.83 -8.79
C MET B 149 -8.57 -11.72 -8.87
N GLY B 150 -8.66 -10.76 -7.96
CA GLY B 150 -7.72 -9.64 -7.98
C GLY B 150 -7.59 -8.92 -6.66
N TRP B 151 -6.42 -8.33 -6.40
CA TRP B 151 -6.18 -7.53 -5.17
C TRP B 151 -6.11 -6.03 -5.49
N SER B 152 -6.76 -5.20 -4.68
CA SER B 152 -6.74 -3.73 -4.83
C SER B 152 -7.21 -3.29 -6.21
N MET B 153 -6.34 -2.65 -6.97
CA MET B 153 -6.71 -2.18 -8.33
C MET B 153 -6.99 -3.37 -9.25
N GLY B 154 -6.45 -4.54 -8.92
CA GLY B 154 -6.75 -5.78 -9.66
C GLY B 154 -8.12 -6.28 -9.24
N GLY B 155 -8.53 -5.99 -8.00
CA GLY B 155 -9.90 -6.31 -7.57
C GLY B 155 -10.87 -5.43 -8.34
N GLY B 156 -10.43 -4.23 -8.71
CA GLY B 156 -11.26 -3.33 -9.55
C GLY B 156 -11.36 -3.87 -10.95
N GLY B 157 -10.25 -4.36 -11.50
CA GLY B 157 -10.30 -5.04 -12.80
C GLY B 157 -11.10 -6.32 -12.74
N THR B 158 -11.18 -6.94 -11.56
CA THR B 158 -11.98 -8.18 -11.39
C THR B 158 -13.46 -7.83 -11.52
N LEU B 159 -13.94 -6.83 -10.78
CA LEU B 159 -15.35 -6.38 -10.85
C LEU B 159 -15.65 -5.87 -12.25
N ARG B 160 -14.68 -5.20 -12.89
CA ARG B 160 -14.86 -4.70 -14.28
C ARG B 160 -15.07 -5.87 -15.25
N VAL B 161 -14.35 -6.97 -15.05
CA VAL B 161 -14.47 -8.15 -15.95
C VAL B 161 -15.82 -8.82 -15.67
N ALA B 162 -16.28 -8.79 -14.42
CA ALA B 162 -17.57 -9.40 -14.04
C ALA B 162 -18.73 -8.66 -14.69
N THR B 163 -18.44 -7.60 -15.42
CA THR B 163 -19.47 -6.82 -16.13
C THR B 163 -19.64 -7.31 -17.57
N GLU B 164 -18.71 -8.12 -18.08
CA GLU B 164 -18.72 -8.50 -19.51
C GLU B 164 -19.47 -9.81 -19.79
N GLY B 165 -19.57 -10.71 -18.83
CA GLY B 165 -20.40 -11.91 -19.05
C GLY B 165 -19.64 -13.09 -19.62
N ARG B 166 -18.32 -13.08 -19.58
CA ARG B 166 -17.55 -14.27 -19.99
C ARG B 166 -17.27 -15.09 -18.74
N VAL B 167 -16.91 -14.42 -17.65
CA VAL B 167 -16.56 -15.11 -16.37
C VAL B 167 -17.84 -15.57 -15.66
N SER B 168 -17.75 -16.70 -14.97
CA SER B 168 -18.93 -17.26 -14.27
C SER B 168 -18.70 -17.13 -12.76
N ALA B 169 -17.59 -16.52 -12.37
CA ALA B 169 -17.30 -16.27 -10.95
C ALA B 169 -16.20 -15.21 -10.79
N ALA B 170 -16.34 -14.31 -9.82
CA ALA B 170 -15.37 -13.25 -9.55
C ALA B 170 -15.19 -13.07 -8.04
N ILE B 171 -13.94 -13.00 -7.59
CA ILE B 171 -13.61 -12.83 -6.15
C ILE B 171 -12.64 -11.66 -6.03
N PRO B 172 -13.14 -10.41 -5.88
CA PRO B 172 -12.27 -9.25 -5.68
C PRO B 172 -11.68 -9.24 -4.26
N LEU B 173 -10.36 -9.07 -4.16
CA LEU B 173 -9.65 -9.07 -2.85
C LEU B 173 -9.32 -7.64 -2.45
N ALA B 174 -10.02 -7.13 -1.44
CA ALA B 174 -9.79 -5.77 -0.94
C ALA B 174 -9.82 -4.76 -2.10
N PRO B 175 -10.89 -4.74 -2.89
CA PRO B 175 -10.85 -4.03 -4.17
C PRO B 175 -10.66 -2.52 -4.05
N TRP B 176 -9.99 -1.97 -5.06
CA TRP B 176 -9.81 -0.55 -5.25
C TRP B 176 -10.30 -0.17 -6.65
N ASP B 177 -11.08 0.91 -6.74
CA ASP B 177 -11.43 1.51 -8.03
C ASP B 177 -11.89 2.94 -7.78
N SER B 178 -12.32 3.60 -8.85
CA SER B 178 -12.57 5.04 -8.86
C SER B 178 -14.03 5.37 -9.14
N SER B 179 -14.92 4.39 -9.00
CA SER B 179 -16.33 4.55 -9.28
C SER B 179 -17.04 3.26 -8.93
N SER B 180 -18.31 3.37 -8.55
CA SER B 180 -19.13 2.22 -8.24
C SER B 180 -20.24 1.96 -9.24
N SER B 181 -20.82 3.01 -9.85
CA SER B 181 -21.97 2.85 -10.74
C SER B 181 -21.65 2.02 -11.98
N GLN B 182 -20.38 1.77 -12.28
CA GLN B 182 -20.05 0.83 -13.35
C GLN B 182 -20.48 -0.58 -12.99
N PHE B 183 -20.56 -0.90 -11.70
CA PHE B 183 -20.79 -2.27 -11.25
C PHE B 183 -22.27 -2.63 -11.16
N ARG B 184 -23.19 -1.71 -11.49
CA ARG B 184 -24.60 -2.05 -11.57
C ARG B 184 -24.91 -3.01 -12.71
N SER B 185 -23.96 -3.25 -13.61
CA SER B 185 -24.09 -4.18 -14.72
C SER B 185 -23.53 -5.56 -14.40
N ILE B 186 -23.44 -5.90 -13.12
CA ILE B 186 -22.80 -7.13 -12.71
C ILE B 186 -23.88 -8.17 -12.43
N ASP B 187 -23.88 -9.25 -13.21
CA ASP B 187 -24.72 -10.38 -12.89
C ASP B 187 -23.92 -11.65 -12.70
N THR B 188 -22.59 -11.54 -12.76
CA THR B 188 -21.71 -12.62 -12.38
C THR B 188 -21.73 -12.83 -10.87
N PRO B 189 -21.68 -14.07 -10.39
CA PRO B 189 -21.52 -14.31 -8.95
C PRO B 189 -20.25 -13.73 -8.38
N THR B 190 -20.38 -12.73 -7.51
CA THR B 190 -19.25 -11.97 -6.99
C THR B 190 -19.20 -12.11 -5.47
N LEU B 191 -18.05 -12.52 -4.96
CA LEU B 191 -17.79 -12.59 -3.53
C LEU B 191 -16.69 -11.59 -3.26
N ILE B 192 -17.04 -10.43 -2.70
CA ILE B 192 -16.03 -9.43 -2.39
C ILE B 192 -15.49 -9.68 -0.99
N PHE B 193 -14.17 -9.76 -0.88
CA PHE B 193 -13.48 -9.84 0.40
C PHE B 193 -13.02 -8.43 0.76
N ALA B 194 -13.55 -7.90 1.85
CA ALA B 194 -13.12 -6.60 2.36
C ALA B 194 -12.33 -6.80 3.64
N CYS B 195 -11.43 -5.88 3.91
CA CYS B 195 -10.59 -5.91 5.11
C CYS B 195 -11.01 -4.74 5.99
N GLU B 196 -11.42 -5.05 7.22
CA GLU B 196 -12.01 -4.06 8.12
C GLU B 196 -11.15 -2.79 8.20
N ASN B 197 -9.92 -2.94 8.64
CA ASN B 197 -9.04 -1.77 8.81
C ASN B 197 -8.22 -1.46 7.57
N ASP B 198 -8.78 -1.60 6.39
CA ASP B 198 -8.05 -1.27 5.16
C ASP B 198 -7.84 0.24 5.09
N SER B 199 -6.61 0.67 5.31
CA SER B 199 -6.28 2.08 5.14
C SER B 199 -5.95 2.42 3.70
N THR B 200 -5.56 1.42 2.91
CA THR B 200 -5.24 1.68 1.51
C THR B 200 -6.49 1.75 0.64
N ALA B 201 -7.42 0.83 0.86
CA ALA B 201 -8.65 0.75 0.06
C ALA B 201 -9.80 0.76 1.05
N PRO B 202 -10.20 1.94 1.53
CA PRO B 202 -11.16 2.00 2.64
C PRO B 202 -12.48 1.34 2.26
N VAL B 203 -12.95 0.46 3.16
CA VAL B 203 -14.20 -0.27 2.92
C VAL B 203 -15.31 0.68 2.54
N ARG B 204 -15.51 1.73 3.35
CA ARG B 204 -16.59 2.70 3.15
C ARG B 204 -16.53 3.38 1.78
N SER B 205 -15.36 3.47 1.17
CA SER B 205 -15.17 4.18 -0.08
C SER B 205 -14.97 3.26 -1.27
N HIS B 206 -14.83 1.96 -1.04
CA HIS B 206 -14.49 0.99 -2.07
C HIS B 206 -15.35 -0.26 -2.01
N ALA B 207 -14.96 -1.26 -1.21
CA ALA B 207 -15.68 -2.54 -1.21
C ALA B 207 -17.17 -2.37 -0.93
N ASP B 208 -17.52 -1.49 0.03
CA ASP B 208 -18.90 -1.32 0.42
C ASP B 208 -19.75 -0.75 -0.71
N PRO B 209 -19.38 0.38 -1.35
CA PRO B 209 -20.23 0.84 -2.46
C PRO B 209 -20.13 -0.06 -3.68
N PHE B 210 -19.01 -0.74 -3.90
CA PHE B 210 -18.95 -1.68 -5.02
C PHE B 210 -19.96 -2.80 -4.82
N TYR B 211 -20.01 -3.36 -3.62
CA TYR B 211 -20.99 -4.41 -3.32
C TYR B 211 -22.43 -3.89 -3.47
N ASP B 212 -22.69 -2.65 -3.03
CA ASP B 212 -24.05 -2.11 -3.10
C ASP B 212 -24.54 -2.00 -4.54
N ALA B 213 -23.67 -1.54 -5.44
CA ALA B 213 -24.06 -1.30 -6.82
C ALA B 213 -24.55 -2.56 -7.51
N ILE B 214 -24.05 -3.72 -7.08
CA ILE B 214 -24.46 -4.95 -7.76
C ILE B 214 -25.94 -5.20 -7.51
N PRO B 215 -26.71 -5.58 -8.53
CA PRO B 215 -28.15 -5.78 -8.32
C PRO B 215 -28.41 -6.92 -7.34
N ASP B 216 -29.58 -6.87 -6.68
CA ASP B 216 -29.91 -7.91 -5.72
C ASP B 216 -30.26 -9.23 -6.40
N SER B 217 -30.53 -9.20 -7.69
CA SER B 217 -30.77 -10.43 -8.45
C SER B 217 -29.51 -11.24 -8.64
N THR B 218 -28.34 -10.66 -8.40
CA THR B 218 -27.06 -11.32 -8.62
C THR B 218 -26.64 -12.07 -7.36
N ALA B 219 -26.19 -13.31 -7.53
CA ALA B 219 -25.55 -13.99 -6.43
C ALA B 219 -24.29 -13.22 -6.02
N LYS B 220 -24.24 -12.76 -4.78
CA LYS B 220 -23.07 -12.02 -4.32
C LYS B 220 -22.93 -12.18 -2.82
N ALA B 221 -21.78 -11.72 -2.33
CA ALA B 221 -21.41 -11.97 -0.96
C ALA B 221 -20.40 -10.91 -0.56
N PHE B 222 -20.55 -10.41 0.66
CA PHE B 222 -19.64 -9.44 1.24
C PHE B 222 -19.12 -10.05 2.54
N VAL B 223 -17.81 -10.30 2.61
CA VAL B 223 -17.21 -10.98 3.75
C VAL B 223 -16.05 -10.13 4.24
N GLU B 224 -16.35 -9.18 5.12
CA GLU B 224 -15.33 -8.37 5.77
C GLU B 224 -14.65 -9.17 6.87
N LEU B 225 -13.32 -9.18 6.85
CA LEU B 225 -12.51 -9.94 7.80
C LEU B 225 -12.06 -9.05 8.96
N ASP B 226 -12.15 -9.58 10.18
CA ASP B 226 -12.04 -8.78 11.39
C ASP B 226 -10.63 -8.22 11.57
N GLY B 227 -10.54 -6.89 11.72
CA GLY B 227 -9.27 -6.23 11.97
C GLY B 227 -8.19 -6.64 10.99
N GLY B 228 -8.50 -6.56 9.70
CA GLY B 228 -7.58 -6.97 8.66
C GLY B 228 -7.09 -5.76 7.88
N GLY B 229 -5.81 -5.77 7.53
CA GLY B 229 -5.24 -4.72 6.70
C GLY B 229 -5.39 -5.04 5.21
N HIS B 230 -4.82 -4.16 4.39
CA HIS B 230 -5.01 -4.23 2.94
C HIS B 230 -4.64 -5.59 2.34
N THR B 231 -3.80 -6.38 2.99
CA THR B 231 -3.37 -7.66 2.48
C THR B 231 -4.05 -8.83 3.19
N CYS B 232 -5.22 -8.61 3.80
CA CYS B 232 -5.77 -9.62 4.68
C CYS B 232 -6.36 -10.80 3.91
N ALA B 233 -6.85 -10.58 2.70
CA ALA B 233 -7.39 -11.67 1.90
C ALA B 233 -6.41 -12.22 0.87
N ASN B 234 -5.17 -11.71 0.85
CA ASN B 234 -4.17 -12.24 -0.06
C ASN B 234 -3.68 -13.63 0.30
N GLY B 235 -4.04 -14.15 1.48
CA GLY B 235 -3.57 -15.43 1.96
C GLY B 235 -2.16 -15.29 2.50
N SER B 236 -1.74 -16.18 3.39
CA SER B 236 -0.39 -16.07 3.95
C SER B 236 0.14 -17.46 4.27
N SER B 237 1.47 -17.61 4.17
CA SER B 237 2.13 -18.82 4.61
C SER B 237 2.94 -18.62 5.90
N GLY B 238 3.45 -17.41 6.14
CA GLY B 238 4.23 -17.15 7.32
C GLY B 238 3.45 -16.42 8.39
N PHE B 239 3.91 -15.21 8.73
CA PHE B 239 3.25 -14.41 9.76
C PHE B 239 1.82 -14.08 9.35
N GLY B 240 0.93 -14.05 10.35
CA GLY B 240 -0.43 -13.57 10.18
C GLY B 240 -1.23 -14.30 9.14
N GLY B 241 -1.38 -15.61 9.32
CA GLY B 241 -2.17 -16.38 8.39
C GLY B 241 -3.48 -16.83 8.97
N SER B 242 -4.00 -16.07 9.94
CA SER B 242 -5.23 -16.47 10.61
C SER B 242 -6.40 -16.52 9.65
N TYR B 243 -6.39 -15.66 8.64
CA TYR B 243 -7.48 -15.62 7.67
C TYR B 243 -7.49 -16.82 6.73
N ASN B 244 -6.49 -17.69 6.76
CA ASN B 244 -6.42 -18.77 5.78
C ASN B 244 -7.66 -19.64 5.77
N ASP B 245 -8.24 -19.92 6.96
CA ASP B 245 -9.39 -20.82 7.06
C ASP B 245 -10.62 -20.26 6.36
N VAL B 246 -10.99 -19.01 6.65
CA VAL B 246 -12.13 -18.38 5.98
C VAL B 246 -11.88 -18.26 4.49
N LEU B 247 -10.68 -17.84 4.10
CA LEU B 247 -10.37 -17.72 2.67
C LEU B 247 -10.55 -19.06 1.98
N SER B 248 -10.02 -20.12 2.56
CA SER B 248 -10.13 -21.45 1.96
C SER B 248 -11.58 -21.89 1.87
N ARG B 249 -12.31 -21.83 2.99
CA ARG B 249 -13.70 -22.25 3.05
C ARG B 249 -14.59 -21.48 2.08
N LEU B 250 -14.56 -20.14 2.16
CA LEU B 250 -15.49 -19.39 1.32
C LEU B 250 -14.99 -19.24 -0.12
N GLY B 251 -13.69 -18.97 -0.30
CA GLY B 251 -13.14 -18.87 -1.65
C GLY B 251 -13.32 -20.12 -2.48
N VAL B 252 -12.86 -21.27 -1.96
CA VAL B 252 -12.95 -22.51 -2.74
C VAL B 252 -14.39 -22.85 -3.04
N SER B 253 -15.25 -22.81 -2.00
CA SER B 253 -16.65 -23.18 -2.19
C SER B 253 -17.33 -22.26 -3.20
N TRP B 254 -16.97 -20.98 -3.19
CA TRP B 254 -17.56 -20.05 -4.14
C TRP B 254 -17.18 -20.44 -5.57
N MET B 255 -15.94 -20.88 -5.79
CA MET B 255 -15.55 -21.28 -7.13
C MET B 255 -16.15 -22.63 -7.49
N LYS B 256 -16.14 -23.56 -6.54
CA LYS B 256 -16.79 -24.85 -6.73
C LYS B 256 -18.27 -24.68 -7.05
N LEU B 257 -18.97 -23.81 -6.33
CA LEU B 257 -20.39 -23.60 -6.58
C LEU B 257 -20.64 -22.94 -7.92
N HIS B 258 -19.86 -21.92 -8.26
CA HIS B 258 -20.24 -21.12 -9.40
C HIS B 258 -19.49 -21.45 -10.67
N LEU B 259 -18.30 -22.03 -10.57
CA LEU B 259 -17.64 -22.53 -11.78
C LEU B 259 -18.05 -23.98 -12.08
N ASP B 260 -18.02 -24.83 -11.06
CA ASP B 260 -18.34 -26.23 -11.25
C ASP B 260 -19.83 -26.54 -11.13
N LYS B 261 -20.65 -25.55 -10.77
CA LYS B 261 -22.08 -25.74 -10.53
C LYS B 261 -22.31 -26.84 -9.50
N ASP B 262 -21.37 -26.92 -8.54
CA ASP B 262 -21.31 -28.04 -7.60
C ASP B 262 -22.11 -27.70 -6.35
N GLN B 263 -23.42 -28.00 -6.40
CA GLN B 263 -24.32 -27.74 -5.28
C GLN B 263 -23.85 -28.37 -3.97
N ARG B 264 -22.87 -29.26 -4.00
CA ARG B 264 -22.38 -29.82 -2.75
C ARG B 264 -21.59 -28.80 -1.93
N TYR B 265 -21.23 -27.67 -2.50
CA TYR B 265 -20.53 -26.64 -1.75
C TYR B 265 -21.45 -25.46 -1.42
N ASN B 266 -22.74 -25.59 -1.73
CA ASN B 266 -23.68 -24.53 -1.43
C ASN B 266 -23.81 -24.31 0.08
N GLN B 267 -23.61 -25.36 0.86
CA GLN B 267 -23.88 -25.28 2.30
C GLN B 267 -22.86 -24.47 3.07
N PHE B 268 -21.73 -24.12 2.48
CA PHE B 268 -20.70 -23.39 3.21
C PHE B 268 -20.78 -21.89 2.99
N VAL B 269 -21.52 -21.45 1.97
CA VAL B 269 -21.76 -20.04 1.73
C VAL B 269 -23.20 -19.64 2.07
N CYS B 270 -24.16 -20.51 1.83
CA CYS B 270 -25.57 -20.16 2.02
C CYS B 270 -26.18 -21.06 3.09
N GLY B 271 -26.46 -20.48 4.27
CA GLY B 271 -26.93 -21.28 5.37
C GLY B 271 -26.22 -21.07 6.70
N PRO B 272 -24.89 -20.89 6.67
CA PRO B 272 -24.15 -20.66 7.93
C PRO B 272 -24.40 -19.27 8.50
N ASN B 273 -23.92 -19.11 9.73
CA ASN B 273 -23.92 -17.84 10.44
C ASN B 273 -22.49 -17.32 10.35
N HIS B 274 -22.24 -16.50 9.34
CA HIS B 274 -20.86 -16.14 9.00
C HIS B 274 -20.24 -15.20 10.04
N GLU B 275 -20.99 -14.20 10.51
CA GLU B 275 -20.46 -13.25 11.47
C GLU B 275 -20.03 -13.92 12.76
N SER B 276 -20.56 -15.11 13.06
CA SER B 276 -20.13 -15.84 14.25
C SER B 276 -18.74 -16.46 14.10
N ASP B 277 -18.24 -16.63 12.87
CA ASP B 277 -16.83 -16.98 12.69
C ASP B 277 -15.96 -15.92 13.36
N ARG B 278 -14.99 -16.38 14.16
CA ARG B 278 -14.10 -15.46 14.85
C ARG B 278 -13.42 -14.49 13.90
N SER B 279 -13.16 -14.90 12.66
CA SER B 279 -12.36 -14.11 11.73
C SER B 279 -13.17 -13.15 10.86
N ILE B 280 -14.50 -13.18 10.94
CA ILE B 280 -15.37 -12.34 10.11
C ILE B 280 -16.04 -11.29 10.98
N SER B 281 -16.05 -10.05 10.50
CA SER B 281 -16.60 -8.95 11.27
C SER B 281 -17.88 -8.39 10.68
N GLU B 282 -18.26 -8.82 9.47
CA GLU B 282 -19.50 -8.39 8.85
C GLU B 282 -19.74 -9.23 7.60
N TYR B 283 -20.98 -9.68 7.42
CA TYR B 283 -21.36 -10.44 6.23
C TYR B 283 -22.67 -9.91 5.68
N ARG B 284 -22.75 -9.83 4.35
CA ARG B 284 -23.96 -9.48 3.61
C ARG B 284 -23.94 -10.34 2.36
N GLY B 285 -25.08 -10.92 2.02
CA GLY B 285 -25.19 -11.77 0.85
C GLY B 285 -26.58 -11.67 0.28
N THR B 286 -26.83 -12.46 -0.77
CA THR B 286 -28.16 -12.60 -1.36
C THR B 286 -28.64 -14.05 -1.34
N CYS B 287 -28.16 -14.84 -0.41
CA CYS B 287 -28.70 -16.19 -0.23
C CYS B 287 -30.23 -16.10 -0.10
N PRO B 288 -30.99 -16.89 -0.86
CA PRO B 288 -30.55 -18.02 -1.67
C PRO B 288 -30.19 -17.66 -3.11
N TYR B 289 -29.30 -18.44 -3.73
CA TYR B 289 -28.89 -18.28 -5.12
C TYR B 289 -29.70 -19.25 -5.99
N LEU B 290 -30.47 -18.69 -6.92
CA LEU B 290 -31.39 -19.47 -7.76
C LEU B 290 -32.27 -20.39 -6.90
#